data_7UBT
#
_entry.id   7UBT
#
_cell.length_a   234.889
_cell.length_b   234.889
_cell.length_c   112.904
_cell.angle_alpha   90.000
_cell.angle_beta   90.000
_cell.angle_gamma   120.000
#
_symmetry.space_group_name_H-M   'H 3 2'
#
loop_
_entity.id
_entity.type
_entity.pdbx_description
1 polymer 'Signal transducer and activator of transcription 5A'
2 non-polymer GLYCEROL
3 non-polymer N-{5-[difluoro(phosphono)methyl]-1-benzothiophene-2-carbonyl}-3-methyl-L-valyl-L-prolyl-N~3~-(1,3-benzothiazol-5-yl)-N,N-dimethyl-beta-alaninamide
4 water water
#
_entity_poly.entity_id   1
_entity_poly.type   'polypeptide(L)'
_entity_poly.pdbx_seq_one_letter_code
;SNAAMSQKHLQINQTFEELRLVTQDTENELKKLQQTQEYFIIQYQESLRIQAQFAQLAQLSPQERLSRETALQQKQVSLE
AWLQREAQTLQQYRVELAEKHQKTLQLLRKQQTIILDDELIQWKRRQQLAGNGGPPEGSLDVLQSWCEKLAEIIWQNRQQ
IRRAEHLCQQLPIPGPVEEMLAEVNATITDIISALVTSTFIIEKQPPQVLKTQTKFAATVRLLVGGKLNVHMNPPQVKAT
IISEQQAKSLLKNENTRNECSGEILNNCCVMEYHQATGTLSAHFRNMSLKRIKRADRRGAESVTEEKFTVLFESQFSVGS
NELVFQVKTLSLPVVVIVHGSQDHNATATVLWDNAFAEPGRVPFAVPDKVLWPQLCEALNMKFKAEVQSNRGLTKENLVF
LAQKLFNNSSSHLEDYSGLSVSWSQFNRENLPGWNYTFWQWFDGVMEVLKKHHKPHWNDGAILGFVNKQQAHDLLINKPD
GTFLLRFSDSEIGGITIAWKFDSPERNLWNLKPFTTRDFSIRSLADRLGDLSYLIYVFPDRPKDEVFSKYYTPVLAKAVD
GYVKPQIKQVVPE
;
_entity_poly.pdbx_strand_id   A
#
# COMPACT_ATOMS: atom_id res chain seq x y z
N SER A 6 -21.25 -1.46 3.76
CA SER A 6 -20.07 -2.32 3.94
C SER A 6 -20.29 -3.36 5.09
N GLN A 7 -19.24 -3.92 5.72
CA GLN A 7 -19.42 -4.90 6.79
C GLN A 7 -18.78 -4.47 8.14
N LYS A 8 -17.46 -4.70 8.34
CA LYS A 8 -16.74 -4.29 9.55
C LYS A 8 -16.52 -2.76 9.62
N HIS A 9 -16.73 -2.07 8.49
CA HIS A 9 -16.67 -0.63 8.36
C HIS A 9 -17.79 0.03 9.18
N LEU A 10 -18.94 -0.66 9.38
CA LEU A 10 -20.03 -0.13 10.19
C LEU A 10 -19.62 -0.07 11.65
N GLN A 11 -18.91 -1.10 12.14
CA GLN A 11 -18.45 -1.14 13.53
C GLN A 11 -17.36 -0.09 13.80
N ILE A 12 -16.54 0.23 12.78
CA ILE A 12 -15.52 1.27 12.88
C ILE A 12 -16.22 2.63 13.01
N ASN A 13 -17.26 2.86 12.20
CA ASN A 13 -18.01 4.10 12.25
C ASN A 13 -18.81 4.26 13.53
N GLN A 14 -19.25 3.13 14.14
CA GLN A 14 -19.97 3.13 15.42
C GLN A 14 -19.02 3.54 16.56
N THR A 15 -17.77 3.06 16.51
CA THR A 15 -16.74 3.38 17.48
C THR A 15 -16.33 4.86 17.36
N PHE A 16 -16.30 5.42 16.15
CA PHE A 16 -16.01 6.83 15.96
C PHE A 16 -17.10 7.69 16.58
N GLU A 17 -18.35 7.28 16.45
CA GLU A 17 -19.47 8.01 17.03
C GLU A 17 -19.45 7.94 18.57
N GLU A 18 -18.98 6.81 19.14
CA GLU A 18 -18.86 6.66 20.57
C GLU A 18 -17.71 7.54 21.08
N LEU A 19 -16.58 7.56 20.36
CA LEU A 19 -15.43 8.37 20.70
C LEU A 19 -15.76 9.85 20.66
N ARG A 20 -16.61 10.25 19.72
CA ARG A 20 -17.05 11.64 19.55
C ARG A 20 -17.89 12.05 20.78
N LEU A 21 -18.77 11.15 21.25
CA LEU A 21 -19.65 11.33 22.38
C LEU A 21 -18.88 11.45 23.71
N VAL A 22 -17.99 10.49 24.02
CA VAL A 22 -17.21 10.54 25.25
C VAL A 22 -16.26 11.74 25.28
N THR A 23 -15.75 12.17 24.10
CA THR A 23 -14.87 13.34 24.01
C THR A 23 -15.68 14.60 24.34
N GLN A 24 -16.95 14.68 23.90
CA GLN A 24 -17.82 15.81 24.19
C GLN A 24 -18.17 15.83 25.67
N ASP A 25 -18.44 14.66 26.26
CA ASP A 25 -18.77 14.57 27.68
CA ASP A 25 -18.77 14.54 27.67
C ASP A 25 -17.65 15.13 28.56
N THR A 26 -16.39 14.76 28.29
CA THR A 26 -15.23 15.24 29.04
C THR A 26 -14.95 16.72 28.80
N GLU A 27 -15.34 17.26 27.65
CA GLU A 27 -15.21 18.69 27.39
C GLU A 27 -16.20 19.43 28.33
N ASN A 28 -17.45 18.91 28.43
CA ASN A 28 -18.48 19.44 29.31
C ASN A 28 -18.05 19.34 30.79
N GLU A 29 -17.47 18.21 31.20
CA GLU A 29 -16.97 18.04 32.57
C GLU A 29 -15.83 18.97 32.89
N LEU A 30 -14.98 19.26 31.93
CA LEU A 30 -13.85 20.16 32.10
C LEU A 30 -14.31 21.63 32.26
N LYS A 31 -15.34 22.06 31.50
CA LYS A 31 -15.86 23.42 31.63
C LYS A 31 -16.45 23.63 33.03
N LYS A 32 -17.12 22.58 33.56
CA LYS A 32 -17.74 22.56 34.87
C LYS A 32 -16.67 22.59 35.98
N LEU A 33 -15.58 21.86 35.77
CA LEU A 33 -14.45 21.79 36.68
C LEU A 33 -13.79 23.20 36.74
N GLN A 34 -13.64 23.87 35.59
CA GLN A 34 -13.09 25.22 35.57
C GLN A 34 -13.98 26.19 36.41
N GLN A 35 -15.30 26.15 36.18
CA GLN A 35 -16.23 26.98 36.90
C GLN A 35 -16.20 26.70 38.42
N THR A 36 -16.18 25.44 38.83
CA THR A 36 -16.09 25.07 40.23
C THR A 36 -14.80 25.64 40.88
N GLN A 37 -13.68 25.54 40.18
CA GLN A 37 -12.41 26.03 40.68
C GLN A 37 -12.40 27.56 40.76
N GLU A 38 -13.01 28.22 39.79
CA GLU A 38 -13.05 29.68 39.77
C GLU A 38 -13.95 30.21 40.86
N TYR A 39 -15.10 29.56 41.08
CA TYR A 39 -16.01 29.96 42.14
C TYR A 39 -15.35 29.71 43.49
N PHE A 40 -14.65 28.58 43.65
CA PHE A 40 -13.92 28.26 44.87
C PHE A 40 -12.87 29.34 45.16
N ILE A 41 -12.20 29.88 44.14
CA ILE A 41 -11.16 30.91 44.34
C ILE A 41 -11.78 32.21 44.85
N ILE A 42 -12.95 32.58 44.31
CA ILE A 42 -13.70 33.74 44.74
C ILE A 42 -14.19 33.55 46.17
N GLN A 43 -14.71 32.35 46.50
CA GLN A 43 -15.20 32.08 47.86
C GLN A 43 -14.08 32.03 48.89
N TYR A 44 -12.87 31.62 48.47
CA TYR A 44 -11.73 31.65 49.37
C TYR A 44 -11.39 33.11 49.71
N GLN A 45 -11.46 34.01 48.72
CA GLN A 45 -11.22 35.43 48.94
C GLN A 45 -12.30 36.04 49.84
N GLU A 46 -13.53 35.51 49.83
CA GLU A 46 -14.59 35.95 50.74
C GLU A 46 -14.25 35.59 52.18
N SER A 47 -13.56 34.46 52.42
CA SER A 47 -13.17 34.07 53.77
C SER A 47 -12.07 35.02 54.29
N LEU A 48 -11.20 35.56 53.40
CA LEU A 48 -10.23 36.59 53.77
C LEU A 48 -10.97 37.91 54.07
N ARG A 49 -12.03 38.20 53.31
CA ARG A 49 -12.88 39.38 53.48
C ARG A 49 -13.60 39.40 54.86
N ILE A 50 -13.73 38.23 55.53
CA ILE A 50 -14.35 38.11 56.86
C ILE A 50 -13.43 38.76 57.90
N GLN A 51 -12.16 38.45 57.81
CA GLN A 51 -11.16 39.00 58.70
C GLN A 51 -10.99 40.51 58.57
N ALA A 52 -11.20 41.05 57.36
CA ALA A 52 -11.15 42.49 57.13
C ALA A 52 -12.40 43.15 57.72
N GLN A 53 -13.57 42.47 57.62
CA GLN A 53 -14.85 42.90 58.18
C GLN A 53 -14.83 42.94 59.70
N PHE A 54 -14.08 42.04 60.33
CA PHE A 54 -13.95 42.05 61.79
C PHE A 54 -13.18 43.28 62.27
N ALA A 55 -12.29 43.84 61.42
CA ALA A 55 -11.51 45.04 61.68
C ALA A 55 -12.19 46.30 61.13
N GLN A 56 -13.52 46.28 60.99
CA GLN A 56 -14.25 47.43 60.45
C GLN A 56 -15.49 47.70 61.31
N LEU A 57 -15.36 47.53 62.64
CA LEU A 57 -16.47 47.76 63.57
C LEU A 57 -16.08 48.70 64.72
N ALA A 58 -15.71 49.96 64.37
CA ALA A 58 -15.29 51.06 65.24
C ALA A 58 -15.17 50.74 66.75
N SER A 61 -20.59 49.04 65.32
CA SER A 61 -19.68 49.91 66.04
C SER A 61 -19.95 49.99 67.58
N PRO A 62 -21.13 50.44 68.08
CA PRO A 62 -21.32 50.52 69.54
C PRO A 62 -21.99 49.25 70.14
N GLN A 63 -23.32 49.09 69.96
CA GLN A 63 -24.09 47.93 70.41
C GLN A 63 -24.32 46.97 69.20
N GLU A 64 -24.47 47.54 67.98
CA GLU A 64 -24.62 46.80 66.73
C GLU A 64 -23.34 45.99 66.37
N ARG A 65 -22.23 46.19 67.10
CA ARG A 65 -20.99 45.46 66.90
C ARG A 65 -21.18 44.01 67.32
N LEU A 66 -21.86 43.77 68.45
CA LEU A 66 -22.10 42.40 68.90
C LEU A 66 -23.00 41.63 67.92
N SER A 67 -24.03 42.30 67.39
CA SER A 67 -24.95 41.67 66.45
C SER A 67 -24.24 41.32 65.14
N ARG A 68 -23.37 42.21 64.66
CA ARG A 68 -22.66 41.97 63.40
C ARG A 68 -21.54 40.94 63.57
N GLU A 69 -20.89 40.91 64.76
CA GLU A 69 -19.82 39.95 65.06
C GLU A 69 -20.35 38.52 65.11
N THR A 70 -21.51 38.28 65.77
CA THR A 70 -22.10 36.95 65.84
C THR A 70 -22.48 36.45 64.43
N ALA A 71 -23.02 37.34 63.60
CA ALA A 71 -23.39 36.98 62.23
C ALA A 71 -22.15 36.72 61.38
N LEU A 72 -21.09 37.53 61.55
CA LEU A 72 -19.83 37.39 60.84
C LEU A 72 -19.15 36.07 61.21
N GLN A 73 -19.27 35.64 62.49
CA GLN A 73 -18.69 34.38 62.94
CA GLN A 73 -18.68 34.37 62.92
C GLN A 73 -19.46 33.19 62.35
N GLN A 74 -20.80 33.32 62.28
CA GLN A 74 -21.62 32.27 61.71
C GLN A 74 -21.33 32.12 60.21
N LYS A 75 -21.14 33.24 59.49
CA LYS A 75 -20.81 33.19 58.07
C LYS A 75 -19.44 32.53 57.90
N GLN A 76 -18.48 32.88 58.75
CA GLN A 76 -17.14 32.30 58.71
C GLN A 76 -17.17 30.78 58.92
N VAL A 77 -17.91 30.30 59.93
CA VAL A 77 -18.04 28.86 60.20
C VAL A 77 -18.60 28.13 58.98
N SER A 78 -19.69 28.65 58.42
CA SER A 78 -20.33 28.00 57.29
C SER A 78 -19.47 28.03 56.01
N LEU A 79 -18.73 29.11 55.78
CA LEU A 79 -17.88 29.27 54.61
C LEU A 79 -16.64 28.39 54.71
N GLU A 80 -16.05 28.24 55.90
CA GLU A 80 -14.91 27.34 56.08
C GLU A 80 -15.31 25.90 55.83
N ALA A 81 -16.52 25.52 56.30
CA ALA A 81 -17.00 24.16 56.08
C ALA A 81 -17.27 23.96 54.57
N TRP A 82 -17.83 24.98 53.90
CA TRP A 82 -18.08 24.90 52.47
C TRP A 82 -16.77 24.76 51.69
N LEU A 83 -15.76 25.58 52.05
CA LEU A 83 -14.44 25.58 51.39
C LEU A 83 -13.78 24.23 51.51
N GLN A 84 -13.85 23.62 52.70
CA GLN A 84 -13.24 22.31 52.91
C GLN A 84 -13.95 21.21 52.09
N ARG A 85 -15.27 21.23 52.03
CA ARG A 85 -16.01 20.24 51.23
C ARG A 85 -15.69 20.44 49.75
N GLU A 86 -15.62 21.70 49.28
CA GLU A 86 -15.33 22.02 47.88
C GLU A 86 -13.94 21.62 47.48
N ALA A 87 -12.96 21.68 48.41
CA ALA A 87 -11.60 21.25 48.10
C ALA A 87 -11.59 19.75 47.78
N GLN A 88 -12.37 18.91 48.53
CA GLN A 88 -12.38 17.49 48.22
C GLN A 88 -13.23 17.25 46.96
N THR A 89 -14.27 18.08 46.68
CA THR A 89 -15.04 17.94 45.44
C THR A 89 -14.13 18.22 44.23
N LEU A 90 -13.26 19.24 44.32
CA LEU A 90 -12.29 19.59 43.26
C LEU A 90 -11.37 18.40 43.01
N GLN A 91 -10.87 17.81 44.10
CA GLN A 91 -10.02 16.64 44.00
CA GLN A 91 -10.01 16.64 44.00
C GLN A 91 -10.74 15.48 43.30
N GLN A 92 -11.93 15.11 43.80
CA GLN A 92 -12.71 14.01 43.26
C GLN A 92 -13.04 14.20 41.77
N TYR A 93 -13.39 15.43 41.35
CA TYR A 93 -13.71 15.71 39.94
C TYR A 93 -12.47 15.60 39.05
N ARG A 94 -11.28 15.96 39.57
CA ARG A 94 -10.05 15.87 38.78
C ARG A 94 -9.76 14.39 38.50
N VAL A 95 -9.88 13.53 39.54
CA VAL A 95 -9.69 12.08 39.41
C VAL A 95 -10.71 11.53 38.43
N GLU A 96 -12.01 11.90 38.57
CA GLU A 96 -13.06 11.42 37.67
C GLU A 96 -12.82 11.81 36.24
N LEU A 97 -12.34 13.05 36.01
CA LEU A 97 -12.04 13.49 34.67
C LEU A 97 -10.87 12.69 34.11
N ALA A 98 -9.82 12.45 34.93
CA ALA A 98 -8.66 11.71 34.47
C ALA A 98 -8.99 10.24 34.15
N GLU A 99 -9.91 9.61 34.92
CA GLU A 99 -10.39 8.24 34.67
C GLU A 99 -11.13 8.17 33.33
N LYS A 100 -11.92 9.20 33.01
CA LYS A 100 -12.68 9.29 31.76
C LYS A 100 -11.73 9.44 30.59
N HIS A 101 -10.70 10.28 30.73
CA HIS A 101 -9.70 10.44 29.68
C HIS A 101 -8.96 9.13 29.46
N GLN A 102 -8.63 8.39 30.52
CA GLN A 102 -7.98 7.11 30.38
C GLN A 102 -8.83 6.13 29.58
N LYS A 103 -10.11 6.07 29.89
CA LYS A 103 -11.06 5.21 29.23
C LYS A 103 -11.17 5.57 27.72
N THR A 104 -11.28 6.87 27.40
CA THR A 104 -11.36 7.32 26.02
C THR A 104 -10.11 6.93 25.24
N LEU A 105 -8.92 7.14 25.84
CA LEU A 105 -7.68 6.81 25.16
C LEU A 105 -7.49 5.32 24.90
N GLN A 106 -8.07 4.46 25.76
CA GLN A 106 -8.00 3.01 25.54
C GLN A 106 -8.88 2.55 24.40
N LEU A 107 -10.09 3.13 24.29
CA LEU A 107 -11.00 2.83 23.18
C LEU A 107 -10.37 3.38 21.88
N LEU A 108 -9.80 4.58 21.94
CA LEU A 108 -9.09 5.22 20.84
C LEU A 108 -7.89 4.38 20.36
N ARG A 109 -7.11 3.78 21.27
CA ARG A 109 -5.98 2.93 20.92
C ARG A 109 -6.46 1.72 20.13
N LYS A 110 -7.58 1.11 20.57
CA LYS A 110 -8.11 -0.05 19.88
C LYS A 110 -8.60 0.33 18.46
N GLN A 111 -9.29 1.46 18.31
CA GLN A 111 -9.78 1.95 17.04
C GLN A 111 -8.62 2.26 16.10
N GLN A 112 -7.57 2.95 16.59
CA GLN A 112 -6.39 3.27 15.79
C GLN A 112 -5.66 2.00 15.34
N THR A 113 -5.63 0.97 16.20
CA THR A 113 -5.00 -0.31 15.89
C THR A 113 -5.71 -0.98 14.70
N ILE A 114 -7.04 -0.87 14.62
CA ILE A 114 -7.81 -1.42 13.51
C ILE A 114 -7.49 -0.65 12.24
N ILE A 115 -7.54 0.68 12.28
CA ILE A 115 -7.32 1.52 11.11
C ILE A 115 -5.91 1.34 10.54
N LEU A 116 -4.91 1.42 11.40
CA LEU A 116 -3.50 1.41 11.05
C LEU A 116 -2.88 0.03 10.81
N ASP A 117 -3.09 -0.94 11.72
CA ASP A 117 -2.49 -2.27 11.58
C ASP A 117 -3.34 -3.27 10.83
N ASP A 118 -4.59 -2.92 10.50
CA ASP A 118 -5.48 -3.82 9.77
CA ASP A 118 -5.47 -3.81 9.75
C ASP A 118 -5.87 -3.18 8.41
N GLU A 119 -6.76 -2.18 8.40
CA GLU A 119 -7.23 -1.54 7.17
C GLU A 119 -6.16 -0.97 6.28
N LEU A 120 -5.16 -0.28 6.86
CA LEU A 120 -4.08 0.34 6.10
C LEU A 120 -3.13 -0.71 5.55
N ILE A 121 -2.83 -1.75 6.36
CA ILE A 121 -1.99 -2.87 5.96
C ILE A 121 -2.62 -3.64 4.78
N GLN A 122 -3.97 -3.79 4.77
CA GLN A 122 -4.69 -4.49 3.68
C GLN A 122 -4.62 -3.68 2.40
N TRP A 123 -4.75 -2.35 2.51
CA TRP A 123 -4.67 -1.45 1.37
C TRP A 123 -3.24 -1.55 0.78
N LYS A 124 -2.21 -1.54 1.63
CA LYS A 124 -0.83 -1.67 1.20
C LYS A 124 -0.56 -3.04 0.54
N ARG A 125 -1.15 -4.11 1.07
CA ARG A 125 -0.97 -5.44 0.50
C ARG A 125 -1.61 -5.48 -0.90
N ARG A 126 -2.78 -4.87 -1.06
CA ARG A 126 -3.45 -4.78 -2.35
C ARG A 126 -2.56 -3.98 -3.33
N GLN A 127 -1.92 -2.89 -2.84
CA GLN A 127 -1.05 -2.04 -3.66
C GLN A 127 0.16 -2.85 -4.14
N GLN A 128 0.75 -3.62 -3.21
CA GLN A 128 1.89 -4.49 -3.48
C GLN A 128 1.54 -5.57 -4.51
N LEU A 129 0.37 -6.19 -4.37
CA LEU A 129 -0.09 -7.21 -5.32
C LEU A 129 -0.47 -6.61 -6.67
N ALA A 130 -0.91 -5.32 -6.71
CA ALA A 130 -1.22 -4.61 -7.97
C ALA A 130 0.03 -4.44 -8.86
N GLY A 131 1.20 -4.38 -8.21
CA GLY A 131 2.48 -4.36 -8.89
C GLY A 131 2.74 -5.61 -9.73
N ASN A 132 2.02 -6.71 -9.44
CA ASN A 132 2.09 -7.98 -10.17
C ASN A 132 0.88 -8.22 -11.08
N GLY A 133 0.00 -7.22 -11.26
CA GLY A 133 -1.20 -7.41 -12.04
C GLY A 133 -2.47 -7.60 -11.25
N GLY A 134 -2.38 -7.56 -9.93
CA GLY A 134 -3.53 -7.70 -9.05
C GLY A 134 -4.51 -6.54 -9.17
N PRO A 135 -5.72 -6.75 -8.67
CA PRO A 135 -6.73 -5.67 -8.73
C PRO A 135 -6.29 -4.38 -8.01
N PRO A 136 -6.65 -3.21 -8.56
CA PRO A 136 -6.26 -1.93 -7.93
C PRO A 136 -6.62 -1.79 -6.46
N GLU A 137 -5.73 -1.16 -5.67
CA GLU A 137 -5.98 -0.91 -4.24
C GLU A 137 -7.26 -0.12 -4.03
N GLY A 138 -7.56 0.79 -4.95
CA GLY A 138 -8.69 1.69 -4.78
C GLY A 138 -8.27 2.96 -4.08
N SER A 139 -9.21 3.87 -3.94
CA SER A 139 -8.99 5.16 -3.36
C SER A 139 -8.65 5.13 -1.86
N LEU A 140 -7.91 6.15 -1.42
CA LEU A 140 -7.59 6.36 -0.02
C LEU A 140 -8.69 7.16 0.72
N ASP A 141 -9.79 7.54 0.04
CA ASP A 141 -10.91 8.30 0.58
C ASP A 141 -11.43 7.84 1.93
N VAL A 142 -11.70 6.53 2.11
CA VAL A 142 -12.25 6.10 3.41
C VAL A 142 -11.13 6.01 4.45
N LEU A 143 -9.89 5.63 4.06
CA LEU A 143 -8.76 5.62 4.99
C LEU A 143 -8.43 7.02 5.51
N GLN A 144 -8.47 8.02 4.62
CA GLN A 144 -8.21 9.38 5.02
C GLN A 144 -9.35 9.88 5.91
N SER A 145 -10.61 9.56 5.58
CA SER A 145 -11.76 9.94 6.37
C SER A 145 -11.67 9.36 7.79
N TRP A 146 -11.18 8.11 7.90
CA TRP A 146 -10.96 7.49 9.21
C TRP A 146 -9.78 8.13 9.97
N CYS A 147 -8.69 8.43 9.27
CA CYS A 147 -7.51 9.03 9.88
C CYS A 147 -7.74 10.46 10.37
N GLU A 148 -8.57 11.21 9.65
CA GLU A 148 -8.94 12.57 10.03
C GLU A 148 -9.70 12.53 11.35
N LYS A 149 -10.61 11.54 11.52
CA LYS A 149 -11.36 11.38 12.76
C LYS A 149 -10.44 11.03 13.91
N LEU A 150 -9.49 10.10 13.69
CA LEU A 150 -8.50 9.74 14.73
C LEU A 150 -7.69 11.00 15.14
N ALA A 151 -7.29 11.82 14.16
CA ALA A 151 -6.53 13.02 14.43
C ALA A 151 -7.38 14.04 15.25
N GLU A 152 -8.64 14.28 14.85
CA GLU A 152 -9.51 15.18 15.58
C GLU A 152 -9.75 14.72 17.01
N ILE A 153 -10.04 13.42 17.21
CA ILE A 153 -10.28 12.90 18.56
C ILE A 153 -9.02 12.96 19.42
N ILE A 154 -7.83 12.55 18.90
CA ILE A 154 -6.60 12.62 19.70
C ILE A 154 -6.27 14.05 20.06
N TRP A 155 -6.45 14.97 19.11
CA TRP A 155 -6.16 16.37 19.33
C TRP A 155 -7.11 17.03 20.32
N GLN A 156 -8.43 16.77 20.24
CA GLN A 156 -9.38 17.36 21.20
C GLN A 156 -9.05 16.86 22.61
N ASN A 157 -8.73 15.57 22.75
CA ASN A 157 -8.39 15.01 24.04
C ASN A 157 -7.09 15.58 24.59
N ARG A 158 -6.09 15.81 23.73
CA ARG A 158 -4.83 16.40 24.17
C ARG A 158 -5.03 17.81 24.72
N GLN A 159 -5.84 18.64 24.02
CA GLN A 159 -6.02 20.02 24.51
CA GLN A 159 -6.07 20.01 24.47
C GLN A 159 -6.91 20.06 25.76
N GLN A 160 -7.78 19.08 25.97
CA GLN A 160 -8.58 19.00 27.17
C GLN A 160 -7.67 18.66 28.34
N ILE A 161 -6.72 17.69 28.16
CA ILE A 161 -5.87 17.32 29.28
C ILE A 161 -4.83 18.45 29.60
N ARG A 162 -4.42 19.24 28.59
CA ARG A 162 -3.51 20.36 28.86
C ARG A 162 -4.22 21.47 29.64
N ARG A 163 -5.53 21.65 29.41
CA ARG A 163 -6.34 22.62 30.15
C ARG A 163 -6.51 22.12 31.58
N ALA A 164 -6.73 20.80 31.78
CA ALA A 164 -6.88 20.22 33.11
C ALA A 164 -5.59 20.38 33.90
N GLU A 165 -4.42 20.16 33.25
CA GLU A 165 -3.12 20.31 33.87
C GLU A 165 -2.93 21.74 34.33
N HIS A 166 -3.32 22.71 33.49
CA HIS A 166 -3.18 24.11 33.83
C HIS A 166 -4.03 24.48 35.04
N LEU A 167 -5.23 23.91 35.18
CA LEU A 167 -6.05 24.16 36.36
C LEU A 167 -5.33 23.65 37.62
N CYS A 168 -4.62 22.49 37.51
CA CYS A 168 -3.85 21.90 38.59
C CYS A 168 -2.66 22.71 38.99
N GLN A 169 -1.90 23.26 38.03
CA GLN A 169 -0.75 24.07 38.40
C GLN A 169 -1.21 25.37 39.06
N GLN A 170 -2.38 25.91 38.68
CA GLN A 170 -2.91 27.12 39.30
C GLN A 170 -3.49 26.89 40.72
N LEU A 171 -3.99 25.69 41.00
CA LEU A 171 -4.50 25.36 42.32
C LEU A 171 -4.11 23.92 42.66
N PRO A 172 -2.87 23.72 43.12
CA PRO A 172 -2.41 22.35 43.39
C PRO A 172 -3.12 21.66 44.54
N ILE A 173 -3.48 20.39 44.29
CA ILE A 173 -4.08 19.50 45.27
C ILE A 173 -3.34 18.21 45.13
N PRO A 174 -2.34 17.94 45.97
CA PRO A 174 -1.52 16.71 45.79
C PRO A 174 -2.24 15.40 46.08
N GLY A 175 -1.80 14.34 45.39
CA GLY A 175 -2.42 13.02 45.47
C GLY A 175 -2.25 12.27 44.17
N PRO A 176 -3.19 11.37 43.85
CA PRO A 176 -3.03 10.52 42.66
C PRO A 176 -3.14 11.18 41.28
N VAL A 177 -3.81 12.33 41.15
CA VAL A 177 -4.03 13.04 39.90
C VAL A 177 -2.73 13.23 39.09
N GLU A 178 -1.63 13.67 39.73
CA GLU A 178 -0.38 13.88 39.01
C GLU A 178 0.11 12.65 38.25
N GLU A 179 0.04 11.47 38.88
CA GLU A 179 0.45 10.24 38.25
C GLU A 179 -0.51 9.83 37.14
N MET A 180 -1.82 10.06 37.33
CA MET A 180 -2.82 9.74 36.30
C MET A 180 -2.59 10.64 35.08
N LEU A 181 -2.28 11.93 35.30
CA LEU A 181 -2.04 12.89 34.23
C LEU A 181 -0.76 12.58 33.47
N ALA A 182 0.27 12.10 34.18
CA ALA A 182 1.53 11.72 33.55
C ALA A 182 1.32 10.51 32.63
N GLU A 183 0.46 9.58 33.06
CA GLU A 183 0.17 8.39 32.30
C GLU A 183 -0.66 8.73 31.06
N VAL A 184 -1.61 9.67 31.20
CA VAL A 184 -2.45 10.12 30.09
C VAL A 184 -1.59 10.85 29.02
N ASN A 185 -0.60 11.62 29.47
CA ASN A 185 0.32 12.35 28.60
C ASN A 185 1.21 11.39 27.86
N ALA A 186 1.68 10.32 28.53
CA ALA A 186 2.51 9.30 27.84
C ALA A 186 1.66 8.60 26.79
N THR A 187 0.39 8.27 27.12
CA THR A 187 -0.51 7.62 26.16
C THR A 187 -0.78 8.51 24.93
N ILE A 188 -1.08 9.79 25.13
CA ILE A 188 -1.32 10.74 24.04
C ILE A 188 -0.11 10.83 23.11
N THR A 189 1.09 10.99 23.70
CA THR A 189 2.34 11.03 22.95
C THR A 189 2.56 9.77 22.10
N ASP A 190 2.17 8.57 22.60
CA ASP A 190 2.33 7.35 21.82
C ASP A 190 1.31 7.26 20.69
N ILE A 191 0.07 7.66 20.96
CA ILE A 191 -0.98 7.65 19.93
C ILE A 191 -0.67 8.62 18.76
N ILE A 192 -0.28 9.86 19.06
CA ILE A 192 0.07 10.88 18.07
C ILE A 192 1.28 10.48 17.24
N SER A 193 2.37 9.97 17.87
CA SER A 193 3.55 9.55 17.08
C SER A 193 3.23 8.42 16.13
N ALA A 194 2.44 7.43 16.60
CA ALA A 194 2.09 6.30 15.75
C ALA A 194 1.22 6.76 14.60
N LEU A 195 0.26 7.67 14.89
CA LEU A 195 -0.63 8.15 13.84
C LEU A 195 0.13 8.93 12.76
N VAL A 196 0.96 9.90 13.16
CA VAL A 196 1.72 10.73 12.25
C VAL A 196 2.67 9.90 11.37
N THR A 197 3.50 9.04 12.00
CA THR A 197 4.47 8.22 11.28
C THR A 197 3.82 7.17 10.39
N SER A 198 2.68 6.62 10.77
CA SER A 198 2.00 5.61 9.94
C SER A 198 1.15 6.18 8.80
N THR A 199 0.74 7.47 8.83
CA THR A 199 -0.11 8.01 7.77
C THR A 199 0.68 8.74 6.66
N PHE A 200 2.01 8.63 6.67
CA PHE A 200 2.88 9.19 5.65
C PHE A 200 3.09 8.04 4.72
N ILE A 201 2.25 7.95 3.69
CA ILE A 201 2.23 6.81 2.82
C ILE A 201 2.40 7.14 1.33
N ILE A 202 2.95 6.18 0.60
CA ILE A 202 3.09 6.30 -0.83
C ILE A 202 1.78 5.83 -1.49
N GLU A 203 1.06 6.77 -2.11
CA GLU A 203 -0.19 6.53 -2.82
C GLU A 203 0.09 5.92 -4.22
N LYS A 204 1.13 6.40 -4.87
CA LYS A 204 1.54 5.91 -6.18
C LYS A 204 3.03 5.56 -6.12
N GLN A 205 3.35 4.28 -6.21
CA GLN A 205 4.72 3.81 -6.12
C GLN A 205 5.51 4.18 -7.38
N PRO A 206 6.82 4.35 -7.23
CA PRO A 206 7.65 4.54 -8.41
C PRO A 206 7.67 3.21 -9.22
N PRO A 207 8.10 3.20 -10.50
CA PRO A 207 8.23 1.90 -11.22
C PRO A 207 9.19 0.95 -10.45
N GLN A 208 8.86 -0.36 -10.35
CA GLN A 208 9.73 -1.31 -9.66
C GLN A 208 10.81 -1.93 -10.54
N VAL A 209 10.71 -1.76 -11.87
CA VAL A 209 11.77 -2.10 -12.77
C VAL A 209 12.15 -0.72 -13.28
N LEU A 210 13.11 -0.12 -12.60
CA LEU A 210 13.48 1.26 -12.84
C LEU A 210 14.70 1.45 -13.72
N LYS A 211 14.46 1.90 -14.95
CA LYS A 211 15.54 2.20 -15.90
C LYS A 211 16.18 3.57 -15.56
N THR A 212 17.49 3.62 -15.64
CA THR A 212 18.26 4.84 -15.40
C THR A 212 17.95 5.92 -16.47
N GLN A 213 18.11 7.22 -16.15
CA GLN A 213 17.80 8.33 -17.07
C GLN A 213 16.38 8.25 -17.68
N THR A 214 15.42 7.79 -16.89
CA THR A 214 14.05 7.63 -17.35
C THR A 214 13.17 8.36 -16.38
N LYS A 215 12.37 9.31 -16.90
CA LYS A 215 11.47 10.09 -16.09
C LYS A 215 10.42 9.21 -15.42
N PHE A 216 10.27 9.36 -14.12
CA PHE A 216 9.32 8.60 -13.36
C PHE A 216 8.58 9.46 -12.31
N ALA A 217 7.49 8.92 -11.79
CA ALA A 217 6.65 9.64 -10.87
C ALA A 217 6.36 8.80 -9.60
N ALA A 218 5.95 9.50 -8.53
CA ALA A 218 5.53 8.91 -7.25
C ALA A 218 4.67 9.95 -6.57
N THR A 219 3.69 9.51 -5.79
CA THR A 219 2.83 10.41 -5.04
C THR A 219 2.86 9.96 -3.58
N VAL A 220 3.17 10.90 -2.70
CA VAL A 220 3.24 10.63 -1.27
C VAL A 220 2.19 11.45 -0.59
N ARG A 221 1.43 10.83 0.30
CA ARG A 221 0.35 11.56 0.92
C ARG A 221 0.43 11.40 2.45
N LEU A 222 -0.09 12.40 3.17
CA LEU A 222 -0.11 12.39 4.62
C LEU A 222 -1.59 12.41 4.95
N LEU A 223 -2.13 11.28 5.41
CA LEU A 223 -3.57 11.16 5.63
C LEU A 223 -4.14 12.07 6.71
N VAL A 224 -3.30 12.59 7.64
CA VAL A 224 -3.73 13.47 8.73
C VAL A 224 -3.39 14.94 8.52
N GLY A 225 -2.83 15.31 7.36
CA GLY A 225 -2.43 16.68 7.06
C GLY A 225 -3.51 17.73 7.24
N GLY A 226 -4.69 17.46 6.68
CA GLY A 226 -5.82 18.36 6.78
C GLY A 226 -6.29 18.62 8.21
N LYS A 227 -6.37 17.56 9.02
CA LYS A 227 -6.85 17.66 10.39
C LYS A 227 -5.80 18.03 11.44
N LEU A 228 -4.53 18.19 11.04
CA LEU A 228 -3.50 18.65 11.99
C LEU A 228 -2.89 19.97 11.46
N ASN A 229 -1.95 20.60 12.18
CA ASN A 229 -1.39 21.88 11.72
C ASN A 229 -0.37 21.77 10.58
N VAL A 230 -0.46 20.70 9.75
CA VAL A 230 0.52 20.43 8.71
C VAL A 230 0.25 21.12 7.35
N HIS A 231 -1.02 21.24 6.93
CA HIS A 231 -1.31 21.85 5.62
C HIS A 231 -1.09 23.35 5.55
N MET A 232 -1.07 24.03 6.70
CA MET A 232 -0.81 25.47 6.78
C MET A 232 0.64 25.80 6.39
N ASN A 233 1.56 24.91 6.72
CA ASN A 233 2.97 25.05 6.37
C ASN A 233 3.35 23.71 5.76
N PRO A 234 2.95 23.49 4.50
CA PRO A 234 3.18 22.19 3.87
C PRO A 234 4.66 21.85 3.76
N PRO A 235 5.04 20.68 4.26
CA PRO A 235 6.48 20.35 4.30
C PRO A 235 7.08 19.90 3.00
N GLN A 236 8.40 20.04 2.91
CA GLN A 236 9.14 19.54 1.78
C GLN A 236 9.33 18.05 2.01
N VAL A 237 9.15 17.27 0.97
CA VAL A 237 9.36 15.83 0.98
C VAL A 237 10.56 15.59 0.09
N LYS A 238 11.53 14.83 0.58
CA LYS A 238 12.75 14.54 -0.18
C LYS A 238 12.82 13.05 -0.53
N ALA A 239 13.03 12.74 -1.83
CA ALA A 239 13.15 11.36 -2.29
C ALA A 239 14.62 11.04 -2.46
N THR A 240 15.04 9.86 -2.00
CA THR A 240 16.40 9.36 -2.09
C THR A 240 16.38 7.87 -2.46
N ILE A 241 17.32 7.40 -3.29
CA ILE A 241 17.41 5.98 -3.59
C ILE A 241 18.43 5.33 -2.64
N ILE A 242 18.00 4.34 -1.87
CA ILE A 242 18.89 3.65 -0.95
C ILE A 242 18.88 2.15 -1.25
N SER A 243 19.95 1.47 -0.87
CA SER A 243 20.06 0.03 -1.08
C SER A 243 19.23 -0.73 -0.06
N GLU A 244 19.08 -2.05 -0.24
CA GLU A 244 18.39 -2.90 0.72
C GLU A 244 19.13 -2.86 2.07
N GLN A 245 20.47 -2.90 2.05
CA GLN A 245 21.27 -2.83 3.29
C GLN A 245 21.10 -1.52 4.03
N GLN A 246 21.12 -0.40 3.27
CA GLN A 246 20.91 0.92 3.83
C GLN A 246 19.47 1.03 4.39
N ALA A 247 18.48 0.41 3.72
CA ALA A 247 17.10 0.41 4.20
C ALA A 247 16.97 -0.38 5.50
N LYS A 248 17.67 -1.50 5.59
CA LYS A 248 17.69 -2.38 6.76
C LYS A 248 18.31 -1.66 7.95
N SER A 249 19.39 -0.88 7.72
CA SER A 249 20.05 -0.17 8.80
C SER A 249 19.21 1.01 9.31
N LEU A 250 18.50 1.67 8.40
CA LEU A 250 17.60 2.78 8.70
C LEU A 250 16.46 2.32 9.62
N LEU A 251 15.96 1.09 9.41
CA LEU A 251 14.86 0.56 10.20
C LEU A 251 15.26 0.24 11.64
N LYS A 252 16.51 -0.16 11.85
CA LYS A 252 16.99 -0.44 13.21
C LYS A 252 17.69 0.79 13.84
N ASN A 253 17.48 2.00 13.25
CA ASN A 253 18.05 3.29 13.68
C ASN A 253 19.60 3.31 13.71
N GLU A 254 20.25 2.23 13.23
CA GLU A 254 21.70 2.11 13.20
C GLU A 254 22.25 2.51 11.83
N ASN A 255 21.96 3.76 11.41
CA ASN A 255 22.38 4.31 10.11
C ASN A 255 23.31 5.55 10.26
N THR A 256 23.91 6.01 9.15
CA THR A 256 24.82 7.17 9.18
C THR A 256 24.11 8.54 8.93
N ARG A 257 22.76 8.53 8.81
CA ARG A 257 21.88 9.70 8.64
C ARG A 257 21.94 10.35 7.25
N ASN A 258 22.75 9.82 6.32
CA ASN A 258 22.82 10.40 4.97
C ASN A 258 23.06 9.40 3.85
N GLU A 259 23.30 8.13 4.19
CA GLU A 259 23.57 7.05 3.25
C GLU A 259 22.58 6.94 2.09
N CYS A 260 23.08 7.04 0.86
CA CYS A 260 22.28 6.89 -0.34
C CYS A 260 23.06 6.13 -1.43
N SER A 261 22.37 5.61 -2.44
CA SER A 261 22.99 4.81 -3.47
C SER A 261 22.77 5.38 -4.88
N GLY A 262 22.78 6.69 -5.00
CA GLY A 262 22.58 7.34 -6.28
C GLY A 262 21.92 8.69 -6.18
N GLU A 263 21.67 9.32 -7.34
CA GLU A 263 21.06 10.64 -7.34
C GLU A 263 19.79 10.66 -8.14
N ILE A 264 18.80 11.40 -7.65
CA ILE A 264 17.53 11.56 -8.34
C ILE A 264 17.34 13.06 -8.66
N LEU A 265 17.02 13.38 -9.91
CA LEU A 265 16.72 14.76 -10.31
C LEU A 265 15.28 15.06 -9.89
N ASN A 266 14.99 16.34 -9.56
CA ASN A 266 13.66 16.82 -9.17
C ASN A 266 13.09 15.93 -8.03
N ASN A 267 13.94 15.73 -7.00
CA ASN A 267 13.70 14.88 -5.83
C ASN A 267 13.12 15.61 -4.60
N CYS A 268 12.74 16.88 -4.75
CA CYS A 268 12.12 17.63 -3.66
C CYS A 268 10.76 18.12 -4.13
N CYS A 269 9.79 18.08 -3.25
CA CYS A 269 8.42 18.45 -3.61
C CYS A 269 7.69 18.94 -2.39
N VAL A 270 6.96 20.03 -2.52
CA VAL A 270 6.17 20.56 -1.42
C VAL A 270 4.76 20.00 -1.51
N MET A 271 4.25 19.52 -0.42
CA MET A 271 2.90 18.94 -0.39
C MET A 271 1.85 20.03 -0.71
N GLU A 272 0.85 19.70 -1.54
CA GLU A 272 -0.22 20.64 -1.81
C GLU A 272 -1.49 20.21 -1.12
N TYR A 273 -2.19 21.19 -0.55
CA TYR A 273 -3.44 20.92 0.12
C TYR A 273 -4.57 21.16 -0.84
N HIS A 274 -5.40 20.14 -1.06
CA HIS A 274 -6.55 20.26 -1.95
C HIS A 274 -7.81 20.37 -1.11
N GLN A 275 -8.38 21.58 -1.00
CA GLN A 275 -9.63 21.75 -0.27
C GLN A 275 -10.77 21.00 -1.01
N ALA A 276 -11.92 20.75 -0.33
CA ALA A 276 -13.03 20.00 -0.93
C ALA A 276 -12.56 18.60 -1.41
N THR A 277 -11.74 17.97 -0.56
CA THR A 277 -11.07 16.66 -0.66
C THR A 277 -10.31 16.41 0.66
N GLY A 278 -9.68 17.48 1.19
CA GLY A 278 -8.88 17.44 2.42
C GLY A 278 -7.56 16.72 2.26
N THR A 279 -7.13 16.47 1.01
CA THR A 279 -5.91 15.71 0.76
C THR A 279 -4.67 16.60 0.79
N LEU A 280 -3.63 16.12 1.43
CA LEU A 280 -2.31 16.74 1.53
C LEU A 280 -1.34 15.75 0.91
N SER A 281 -0.77 16.10 -0.23
CA SER A 281 0.08 15.19 -0.97
C SER A 281 1.13 15.86 -1.79
N ALA A 282 2.27 15.17 -1.96
CA ALA A 282 3.38 15.61 -2.78
C ALA A 282 3.37 14.75 -4.08
N HIS A 283 3.15 15.42 -5.22
CA HIS A 283 3.14 14.75 -6.50
C HIS A 283 4.48 14.96 -7.18
N PHE A 284 5.38 13.97 -7.11
CA PHE A 284 6.67 14.08 -7.78
C PHE A 284 6.36 13.62 -9.21
N ARG A 285 6.42 14.51 -10.19
CA ARG A 285 6.08 14.16 -11.57
C ARG A 285 7.27 14.01 -12.49
N ASN A 286 8.44 14.55 -12.10
CA ASN A 286 9.57 14.61 -13.02
C ASN A 286 10.86 14.06 -12.48
N MET A 287 10.77 13.02 -11.66
CA MET A 287 11.97 12.41 -11.09
C MET A 287 12.76 11.66 -12.15
N SER A 288 14.06 11.48 -11.93
CA SER A 288 14.88 10.71 -12.86
C SER A 288 16.09 10.18 -12.11
N LEU A 289 16.43 8.91 -12.31
CA LEU A 289 17.61 8.35 -11.66
C LEU A 289 18.81 8.72 -12.51
N LYS A 290 19.60 9.68 -12.05
CA LYS A 290 20.79 10.19 -12.73
C LYS A 290 21.94 9.18 -12.66
N ARG A 291 22.07 8.51 -11.51
CA ARG A 291 23.12 7.53 -11.31
C ARG A 291 22.76 6.55 -10.20
N ILE A 292 23.34 5.35 -10.28
CA ILE A 292 23.12 4.30 -9.30
C ILE A 292 24.48 3.76 -8.84
N LYS A 293 24.64 3.60 -7.54
CA LYS A 293 25.87 3.05 -6.97
C LYS A 293 25.58 1.60 -6.64
N ARG A 294 26.42 0.68 -7.11
CA ARG A 294 26.21 -0.74 -6.85
C ARG A 294 27.19 -1.33 -5.84
N ALA A 295 26.79 -2.41 -5.17
CA ALA A 295 27.67 -3.09 -4.21
C ALA A 295 28.80 -3.82 -4.95
N SER A 302 24.16 -10.74 -8.34
CA SER A 302 23.48 -10.46 -9.61
C SER A 302 22.80 -9.07 -9.56
N VAL A 303 23.15 -8.18 -10.50
CA VAL A 303 22.62 -6.80 -10.62
C VAL A 303 21.07 -6.78 -10.73
N THR A 304 20.54 -7.77 -11.43
CA THR A 304 19.14 -8.03 -11.71
C THR A 304 18.36 -8.55 -10.47
N GLU A 305 19.08 -8.99 -9.42
CA GLU A 305 18.51 -9.43 -8.15
C GLU A 305 18.67 -8.36 -7.04
N GLU A 306 19.48 -7.32 -7.27
CA GLU A 306 19.78 -6.24 -6.35
C GLU A 306 18.60 -5.27 -6.21
N LYS A 307 18.06 -5.20 -4.98
CA LYS A 307 16.93 -4.35 -4.59
C LYS A 307 17.35 -3.04 -3.93
N PHE A 308 16.63 -1.99 -4.31
CA PHE A 308 16.76 -0.63 -3.84
C PHE A 308 15.36 -0.16 -3.43
N THR A 309 15.27 1.01 -2.78
CA THR A 309 13.99 1.59 -2.41
C THR A 309 14.09 3.11 -2.44
N VAL A 310 13.05 3.78 -2.92
CA VAL A 310 13.00 5.22 -2.86
C VAL A 310 12.46 5.59 -1.47
N LEU A 311 13.33 6.20 -0.65
CA LEU A 311 13.03 6.66 0.70
C LEU A 311 12.42 8.04 0.58
N PHE A 312 11.24 8.26 1.16
CA PHE A 312 10.65 9.59 1.16
C PHE A 312 10.72 10.08 2.60
N GLU A 313 11.27 11.27 2.81
CA GLU A 313 11.36 11.80 4.16
C GLU A 313 10.95 13.24 4.24
N SER A 314 10.38 13.59 5.37
CA SER A 314 9.90 14.93 5.61
C SER A 314 9.96 15.23 7.10
N GLN A 315 9.96 16.50 7.44
CA GLN A 315 10.01 16.94 8.82
C GLN A 315 9.06 18.10 8.94
N PHE A 316 8.14 18.00 9.88
CA PHE A 316 7.15 19.03 10.11
C PHE A 316 6.71 19.01 11.58
N SER A 317 6.06 20.08 12.02
CA SER A 317 5.56 20.14 13.37
C SER A 317 4.03 20.10 13.39
N VAL A 318 3.45 19.78 14.56
CA VAL A 318 2.00 19.78 14.71
C VAL A 318 1.53 20.71 15.81
N GLY A 319 0.94 21.83 15.43
CA GLY A 319 0.34 22.81 16.31
C GLY A 319 1.28 23.63 17.17
N SER A 320 2.44 23.07 17.48
CA SER A 320 3.41 23.72 18.35
C SER A 320 4.86 23.47 17.96
N ASN A 321 5.69 24.51 18.16
CA ASN A 321 7.12 24.59 17.93
C ASN A 321 7.83 23.36 18.52
N GLU A 322 7.45 22.99 19.75
CA GLU A 322 8.01 21.87 20.51
C GLU A 322 7.31 20.55 20.22
N LEU A 323 6.88 20.33 18.99
CA LEU A 323 6.25 19.05 18.61
C LEU A 323 6.57 18.73 17.14
N VAL A 324 7.81 18.32 16.88
CA VAL A 324 8.31 18.02 15.54
C VAL A 324 8.45 16.52 15.26
N PHE A 325 8.02 16.09 14.08
CA PHE A 325 8.11 14.69 13.66
C PHE A 325 9.01 14.55 12.44
N GLN A 326 9.78 13.47 12.41
CA GLN A 326 10.64 13.12 11.28
C GLN A 326 9.98 11.90 10.70
N VAL A 327 9.27 12.02 9.59
CA VAL A 327 8.57 10.88 9.00
C VAL A 327 9.40 10.28 7.86
N LYS A 328 9.34 8.96 7.70
CA LYS A 328 10.07 8.25 6.66
C LYS A 328 9.21 7.12 6.14
N THR A 329 9.20 6.93 4.81
CA THR A 329 8.49 5.80 4.22
C THR A 329 9.29 5.21 3.07
N LEU A 330 9.33 3.88 3.00
CA LEU A 330 10.08 3.21 1.97
C LEU A 330 9.14 2.73 0.92
N SER A 331 9.47 3.01 -0.34
CA SER A 331 8.70 2.46 -1.45
C SER A 331 8.83 0.93 -1.48
N LEU A 332 8.02 0.27 -2.30
CA LEU A 332 8.20 -1.18 -2.51
C LEU A 332 9.56 -1.37 -3.21
N PRO A 333 10.25 -2.50 -2.95
CA PRO A 333 11.57 -2.70 -3.58
C PRO A 333 11.56 -2.53 -5.10
N VAL A 334 12.60 -1.87 -5.55
CA VAL A 334 12.85 -1.52 -6.93
C VAL A 334 14.14 -2.22 -7.40
N VAL A 335 14.13 -2.76 -8.62
CA VAL A 335 15.31 -3.31 -9.28
C VAL A 335 15.72 -2.27 -10.35
N VAL A 336 16.92 -1.73 -10.22
CA VAL A 336 17.42 -0.73 -11.13
C VAL A 336 18.12 -1.36 -12.31
N ILE A 337 17.71 -1.00 -13.52
CA ILE A 337 18.35 -1.50 -14.73
C ILE A 337 18.94 -0.31 -15.53
N VAL A 338 19.79 -0.60 -16.51
CA VAL A 338 20.44 0.43 -17.31
C VAL A 338 20.19 0.21 -18.83
N HIS A 339 20.03 -1.05 -19.28
CA HIS A 339 19.91 -1.32 -20.71
C HIS A 339 18.52 -1.61 -21.33
N GLY A 340 17.61 -2.22 -20.59
CA GLY A 340 16.31 -2.57 -21.16
C GLY A 340 16.23 -4.07 -21.37
N SER A 341 17.33 -4.67 -21.83
CA SER A 341 17.44 -6.13 -21.96
C SER A 341 17.47 -6.82 -20.56
N GLN A 342 17.69 -6.04 -19.49
CA GLN A 342 17.72 -6.52 -18.13
C GLN A 342 16.31 -6.62 -17.49
N ASP A 343 15.29 -5.99 -18.12
CA ASP A 343 13.91 -5.92 -17.64
C ASP A 343 13.30 -7.29 -17.33
N HIS A 344 13.61 -8.27 -18.16
CA HIS A 344 13.04 -9.61 -18.01
C HIS A 344 13.48 -10.30 -16.70
N ASN A 345 14.78 -10.28 -16.39
CA ASN A 345 15.26 -10.86 -15.13
C ASN A 345 14.91 -9.98 -13.92
N ALA A 346 14.87 -8.66 -14.13
CA ALA A 346 14.49 -7.74 -13.05
C ALA A 346 13.03 -8.00 -12.64
N THR A 347 12.15 -8.32 -13.61
CA THR A 347 10.74 -8.59 -13.39
C THR A 347 10.52 -9.79 -12.51
N ALA A 348 11.35 -10.85 -12.65
CA ALA A 348 11.19 -12.05 -11.80
C ALA A 348 11.44 -11.72 -10.34
N THR A 349 12.46 -10.87 -10.05
CA THR A 349 12.83 -10.50 -8.69
C THR A 349 11.66 -9.74 -8.04
N VAL A 350 11.11 -8.73 -8.76
CA VAL A 350 9.96 -7.94 -8.35
C VAL A 350 8.71 -8.81 -8.11
N LEU A 351 8.42 -9.74 -9.04
CA LEU A 351 7.28 -10.66 -8.99
C LEU A 351 7.29 -11.46 -7.67
N TRP A 352 8.40 -12.14 -7.37
CA TRP A 352 8.53 -12.98 -6.18
C TRP A 352 8.37 -12.13 -4.91
N ASP A 353 8.94 -10.92 -4.91
CA ASP A 353 8.85 -10.04 -3.77
C ASP A 353 7.44 -9.58 -3.52
N ASN A 354 6.77 -9.02 -4.53
CA ASN A 354 5.40 -8.55 -4.40
C ASN A 354 4.46 -9.68 -3.98
N ALA A 355 4.67 -10.89 -4.51
CA ALA A 355 3.76 -11.99 -4.17
C ALA A 355 3.99 -12.56 -2.80
N PHE A 356 5.25 -12.80 -2.43
CA PHE A 356 5.56 -13.59 -1.27
C PHE A 356 6.16 -12.83 -0.08
N ALA A 357 6.13 -11.48 -0.06
CA ALA A 357 6.60 -10.73 1.10
C ALA A 357 5.68 -10.99 2.28
N GLU A 358 6.25 -11.41 3.40
CA GLU A 358 5.48 -11.68 4.61
C GLU A 358 5.17 -10.38 5.35
N PRO A 359 4.00 -10.30 6.02
CA PRO A 359 3.71 -9.09 6.83
C PRO A 359 4.73 -8.92 7.95
N GLY A 360 5.15 -7.68 8.18
CA GLY A 360 6.10 -7.32 9.23
C GLY A 360 7.53 -7.79 9.02
N ARG A 361 7.90 -8.12 7.78
CA ARG A 361 9.26 -8.57 7.45
C ARG A 361 10.29 -7.46 7.60
N VAL A 362 11.59 -7.83 7.74
CA VAL A 362 12.64 -6.83 7.77
C VAL A 362 12.99 -6.46 6.31
N PRO A 363 13.27 -5.16 6.04
CA PRO A 363 13.48 -4.69 4.67
C PRO A 363 14.15 -5.60 3.68
N PHE A 364 13.24 -6.21 2.86
CA PHE A 364 13.13 -6.91 1.60
C PHE A 364 13.48 -8.41 1.67
N ALA A 365 13.29 -9.02 2.85
CA ALA A 365 13.45 -10.48 2.95
C ALA A 365 12.26 -11.19 2.29
N VAL A 366 12.52 -12.29 1.60
CA VAL A 366 11.48 -13.09 0.95
C VAL A 366 11.71 -14.58 1.24
N PRO A 367 10.64 -15.41 1.30
CA PRO A 367 10.85 -16.85 1.48
C PRO A 367 11.65 -17.46 0.33
N ASP A 368 12.50 -18.43 0.65
CA ASP A 368 13.37 -19.13 -0.30
C ASP A 368 12.55 -20.01 -1.24
N LYS A 369 11.50 -20.61 -0.70
CA LYS A 369 10.63 -21.47 -1.45
C LYS A 369 9.16 -21.21 -1.13
N VAL A 370 8.29 -21.62 -2.03
CA VAL A 370 6.86 -21.43 -1.88
C VAL A 370 6.13 -22.66 -2.41
N LEU A 371 4.85 -22.87 -2.06
CA LEU A 371 4.13 -24.03 -2.62
C LEU A 371 3.67 -23.72 -4.05
N TRP A 372 3.66 -24.74 -4.93
CA TRP A 372 3.24 -24.57 -6.32
C TRP A 372 1.90 -23.80 -6.49
N PRO A 373 0.82 -24.07 -5.71
CA PRO A 373 -0.41 -23.28 -5.87
C PRO A 373 -0.21 -21.78 -5.61
N GLN A 374 0.73 -21.42 -4.74
CA GLN A 374 1.02 -20.01 -4.45
C GLN A 374 1.71 -19.35 -5.65
N LEU A 375 2.65 -20.06 -6.30
CA LEU A 375 3.32 -19.55 -7.47
C LEU A 375 2.31 -19.45 -8.64
N CYS A 376 1.40 -20.41 -8.76
CA CYS A 376 0.34 -20.43 -9.79
C CYS A 376 -0.47 -19.16 -9.75
N GLU A 377 -0.83 -18.74 -8.56
CA GLU A 377 -1.63 -17.55 -8.33
C GLU A 377 -0.87 -16.27 -8.76
N ALA A 378 0.45 -16.22 -8.53
CA ALA A 378 1.27 -15.10 -8.95
C ALA A 378 1.45 -15.04 -10.49
N LEU A 379 1.75 -16.17 -11.13
CA LEU A 379 1.91 -16.29 -12.59
C LEU A 379 0.64 -15.98 -13.38
N ASN A 380 -0.51 -16.42 -12.87
CA ASN A 380 -1.78 -16.18 -13.54
C ASN A 380 -2.12 -14.70 -13.50
N MET A 381 -1.93 -14.08 -12.33
CA MET A 381 -2.16 -12.65 -12.12
C MET A 381 -1.28 -11.82 -13.11
N LYS A 382 0.03 -12.13 -13.16
CA LYS A 382 1.00 -11.49 -14.01
C LYS A 382 0.69 -11.70 -15.49
N PHE A 383 0.35 -12.93 -15.86
CA PHE A 383 0.03 -13.31 -17.24
C PHE A 383 -1.14 -12.51 -17.75
N LYS A 384 -2.26 -12.49 -17.01
CA LYS A 384 -3.43 -11.72 -17.43
C LYS A 384 -3.12 -10.23 -17.65
N ALA A 385 -2.30 -9.63 -16.79
CA ALA A 385 -1.98 -8.23 -16.92
C ALA A 385 -1.05 -7.99 -18.12
N GLU A 386 -0.08 -8.88 -18.37
CA GLU A 386 0.83 -8.75 -19.48
C GLU A 386 0.14 -8.91 -20.85
N VAL A 387 -0.74 -9.91 -20.99
CA VAL A 387 -1.44 -10.09 -22.25
C VAL A 387 -2.73 -9.25 -22.33
N GLN A 388 -3.14 -8.57 -21.23
CA GLN A 388 -4.33 -7.71 -21.17
C GLN A 388 -5.57 -8.47 -21.60
N SER A 389 -5.80 -9.60 -20.95
CA SER A 389 -6.94 -10.43 -21.26
C SER A 389 -7.53 -11.00 -19.99
N ASN A 390 -8.82 -11.31 -20.01
CA ASN A 390 -9.45 -12.07 -18.93
C ASN A 390 -9.14 -13.59 -19.12
N ARG A 391 -8.58 -14.01 -20.30
CA ARG A 391 -8.21 -15.40 -20.51
C ARG A 391 -6.83 -15.60 -19.90
N GLY A 392 -6.80 -16.20 -18.73
CA GLY A 392 -5.57 -16.50 -18.03
C GLY A 392 -5.19 -17.94 -18.17
N LEU A 393 -4.63 -18.51 -17.12
CA LEU A 393 -4.16 -19.88 -17.09
C LEU A 393 -5.22 -20.81 -16.56
N THR A 394 -5.75 -21.69 -17.41
CA THR A 394 -6.72 -22.69 -16.98
C THR A 394 -6.02 -23.78 -16.09
N LYS A 395 -6.78 -24.69 -15.46
CA LYS A 395 -6.22 -25.80 -14.70
C LYS A 395 -5.28 -26.65 -15.59
N GLU A 396 -5.68 -26.91 -16.85
CA GLU A 396 -4.84 -27.66 -17.78
C GLU A 396 -3.53 -26.92 -18.09
N ASN A 397 -3.57 -25.59 -18.26
CA ASN A 397 -2.36 -24.79 -18.50
C ASN A 397 -1.43 -24.93 -17.29
N LEU A 398 -2.00 -24.88 -16.08
CA LEU A 398 -1.20 -25.01 -14.85
C LEU A 398 -0.54 -26.37 -14.75
N VAL A 399 -1.23 -27.42 -15.21
CA VAL A 399 -0.69 -28.78 -15.21
C VAL A 399 0.47 -28.83 -16.19
N PHE A 400 0.31 -28.25 -17.39
CA PHE A 400 1.38 -28.20 -18.38
C PHE A 400 2.63 -27.48 -17.79
N LEU A 401 2.41 -26.39 -17.06
CA LEU A 401 3.52 -25.63 -16.50
C LEU A 401 4.18 -26.40 -15.36
N ALA A 402 3.40 -27.13 -14.57
CA ALA A 402 3.92 -27.93 -13.46
C ALA A 402 4.76 -29.08 -14.01
N GLN A 403 4.32 -29.69 -15.13
CA GLN A 403 5.07 -30.74 -15.77
C GLN A 403 6.42 -30.22 -16.24
N LYS A 404 6.45 -29.03 -16.84
CA LYS A 404 7.71 -28.44 -17.30
C LYS A 404 8.62 -28.08 -16.11
N LEU A 405 8.07 -27.44 -15.08
CA LEU A 405 8.85 -27.06 -13.92
C LEU A 405 9.40 -28.26 -13.13
N PHE A 406 8.53 -29.16 -12.66
CA PHE A 406 8.93 -30.32 -11.87
C PHE A 406 9.46 -31.50 -12.65
N ASN A 407 9.46 -31.43 -14.00
CA ASN A 407 9.89 -32.58 -14.82
C ASN A 407 9.08 -33.86 -14.46
N ASN A 408 7.79 -33.66 -14.18
CA ASN A 408 6.84 -34.69 -13.77
C ASN A 408 5.87 -34.99 -14.91
N SER A 409 5.36 -36.20 -14.92
CA SER A 409 4.45 -36.68 -15.96
C SER A 409 2.97 -36.51 -15.63
N SER A 410 2.64 -36.38 -14.34
CA SER A 410 1.27 -36.31 -13.91
C SER A 410 0.43 -35.26 -14.57
N SER A 411 -0.75 -35.67 -15.01
CA SER A 411 -1.70 -34.71 -15.58
C SER A 411 -2.75 -34.27 -14.54
N HIS A 412 -2.52 -34.54 -13.24
CA HIS A 412 -3.44 -34.18 -12.17
C HIS A 412 -2.87 -33.03 -11.34
N LEU A 413 -3.51 -31.86 -11.40
CA LEU A 413 -3.04 -30.67 -10.69
C LEU A 413 -2.88 -30.86 -9.19
N GLU A 414 -3.76 -31.68 -8.58
CA GLU A 414 -3.68 -31.95 -7.15
C GLU A 414 -2.38 -32.68 -6.76
N ASP A 415 -1.73 -33.38 -7.69
CA ASP A 415 -0.45 -34.04 -7.39
C ASP A 415 0.70 -33.05 -7.12
N TYR A 416 0.52 -31.76 -7.50
CA TYR A 416 1.55 -30.74 -7.33
C TYR A 416 1.26 -29.79 -6.16
N SER A 417 0.07 -29.88 -5.54
CA SER A 417 -0.40 -29.08 -4.41
C SER A 417 0.59 -28.90 -3.25
N GLY A 418 1.25 -29.97 -2.84
CA GLY A 418 2.19 -29.93 -1.73
C GLY A 418 3.64 -29.78 -2.15
N LEU A 419 3.91 -29.71 -3.47
CA LEU A 419 5.27 -29.54 -3.94
C LEU A 419 5.74 -28.09 -3.78
N SER A 420 7.03 -27.90 -3.52
CA SER A 420 7.56 -26.56 -3.37
C SER A 420 8.48 -26.15 -4.51
N VAL A 421 8.60 -24.85 -4.72
CA VAL A 421 9.43 -24.29 -5.77
C VAL A 421 10.37 -23.28 -5.09
N SER A 422 11.68 -23.44 -5.27
CA SER A 422 12.62 -22.51 -4.69
C SER A 422 12.86 -21.37 -5.67
N TRP A 423 13.49 -20.31 -5.20
CA TRP A 423 13.87 -19.20 -6.06
C TRP A 423 14.85 -19.70 -7.16
N SER A 424 15.73 -20.67 -6.83
CA SER A 424 16.69 -21.20 -7.79
C SER A 424 15.99 -22.01 -8.89
N GLN A 425 15.04 -22.88 -8.54
CA GLN A 425 14.24 -23.64 -9.51
C GLN A 425 13.40 -22.72 -10.42
N PHE A 426 13.04 -21.54 -9.91
CA PHE A 426 12.25 -20.57 -10.62
C PHE A 426 13.08 -19.71 -11.60
N ASN A 427 14.20 -19.08 -11.14
CA ASN A 427 14.97 -18.21 -12.03
C ASN A 427 16.49 -18.29 -11.89
N ARG A 428 17.03 -19.41 -11.43
CA ARG A 428 18.49 -19.54 -11.34
C ARG A 428 19.00 -20.74 -12.11
N GLU A 429 18.57 -21.95 -11.74
CA GLU A 429 18.99 -23.14 -12.44
C GLU A 429 18.15 -23.40 -13.69
N ASN A 430 18.75 -24.03 -14.68
CA ASN A 430 18.08 -24.30 -15.94
C ASN A 430 17.16 -25.52 -15.85
N LEU A 431 16.14 -25.53 -16.69
CA LEU A 431 15.22 -26.67 -16.76
C LEU A 431 15.98 -27.89 -17.31
N PRO A 432 15.51 -29.11 -16.95
CA PRO A 432 16.15 -30.37 -17.41
C PRO A 432 17.18 -30.34 -18.57
N GLY A 433 16.76 -30.26 -19.83
CA GLY A 433 17.71 -30.32 -20.94
C GLY A 433 17.84 -29.04 -21.72
N TRP A 434 17.66 -27.89 -21.03
CA TRP A 434 17.68 -26.61 -21.71
C TRP A 434 18.71 -25.65 -21.16
N ASN A 435 19.01 -24.58 -21.93
CA ASN A 435 19.93 -23.55 -21.46
C ASN A 435 19.16 -22.31 -20.94
N TYR A 436 17.94 -22.52 -20.40
CA TYR A 436 17.11 -21.44 -19.86
C TYR A 436 16.39 -21.90 -18.58
N THR A 437 15.96 -20.96 -17.74
CA THR A 437 15.22 -21.25 -16.52
C THR A 437 13.68 -21.29 -16.82
N PHE A 438 12.87 -21.78 -15.88
CA PHE A 438 11.42 -21.77 -16.00
C PHE A 438 10.88 -20.36 -16.28
N TRP A 439 11.36 -19.36 -15.51
CA TRP A 439 10.89 -17.99 -15.66
C TRP A 439 11.23 -17.44 -17.02
N GLN A 440 12.44 -17.73 -17.52
CA GLN A 440 12.85 -17.26 -18.83
C GLN A 440 11.92 -17.78 -19.92
N TRP A 441 11.52 -19.05 -19.79
CA TRP A 441 10.58 -19.67 -20.72
C TRP A 441 9.21 -19.03 -20.61
N PHE A 442 8.65 -18.92 -19.38
CA PHE A 442 7.33 -18.35 -19.14
C PHE A 442 7.26 -16.89 -19.54
N ASP A 443 8.30 -16.13 -19.26
CA ASP A 443 8.36 -14.73 -19.66
C ASP A 443 8.54 -14.61 -21.19
N GLY A 444 9.20 -15.59 -21.82
CA GLY A 444 9.33 -15.64 -23.29
C GLY A 444 7.97 -15.77 -23.96
N VAL A 445 7.06 -16.53 -23.33
CA VAL A 445 5.69 -16.72 -23.80
C VAL A 445 4.89 -15.42 -23.64
N MET A 446 4.93 -14.81 -22.45
CA MET A 446 4.23 -13.54 -22.23
C MET A 446 4.70 -12.46 -23.18
N GLU A 447 6.02 -12.35 -23.40
CA GLU A 447 6.60 -11.35 -24.31
C GLU A 447 6.16 -11.56 -25.77
N VAL A 448 6.19 -12.80 -26.30
CA VAL A 448 5.78 -13.02 -27.69
C VAL A 448 4.26 -12.80 -27.85
N LEU A 449 3.45 -13.15 -26.83
CA LEU A 449 2.03 -12.88 -26.86
C LEU A 449 1.74 -11.37 -26.82
N LYS A 450 2.31 -10.66 -25.83
CA LYS A 450 2.13 -9.25 -25.59
C LYS A 450 2.54 -8.39 -26.78
N LYS A 451 3.70 -8.68 -27.37
CA LYS A 451 4.23 -7.97 -28.52
C LYS A 451 3.35 -8.00 -29.78
N HIS A 452 2.91 -9.18 -30.25
CA HIS A 452 2.13 -9.25 -31.49
C HIS A 452 0.79 -9.91 -31.43
N HIS A 453 0.53 -10.70 -30.41
CA HIS A 453 -0.63 -11.59 -30.41
C HIS A 453 -1.68 -11.40 -29.32
N LYS A 454 -1.80 -10.20 -28.72
CA LYS A 454 -2.85 -9.97 -27.70
C LYS A 454 -4.26 -10.29 -28.24
N PRO A 455 -4.68 -9.79 -29.43
CA PRO A 455 -6.04 -10.11 -29.88
C PRO A 455 -6.20 -11.60 -30.22
N HIS A 456 -5.14 -12.25 -30.74
CA HIS A 456 -5.24 -13.68 -31.04
C HIS A 456 -5.34 -14.50 -29.77
N TRP A 457 -4.59 -14.13 -28.72
CA TRP A 457 -4.65 -14.86 -27.45
C TRP A 457 -6.03 -14.67 -26.83
N ASN A 458 -6.52 -13.43 -26.82
CA ASN A 458 -7.80 -13.12 -26.25
C ASN A 458 -8.93 -13.86 -26.95
N ASP A 459 -8.84 -13.97 -28.30
CA ASP A 459 -9.82 -14.68 -29.16
C ASP A 459 -9.87 -16.20 -28.95
N GLY A 460 -8.83 -16.79 -28.36
CA GLY A 460 -8.77 -18.24 -28.20
C GLY A 460 -8.15 -18.94 -29.39
N ALA A 461 -7.45 -18.20 -30.27
CA ALA A 461 -6.80 -18.73 -31.46
C ALA A 461 -5.48 -19.48 -31.15
N ILE A 462 -4.91 -19.30 -29.94
CA ILE A 462 -3.66 -19.93 -29.56
C ILE A 462 -3.85 -20.85 -28.34
N LEU A 463 -3.81 -22.16 -28.54
CA LEU A 463 -3.94 -23.13 -27.44
C LEU A 463 -2.71 -22.98 -26.52
N GLY A 464 -1.54 -22.90 -27.12
CA GLY A 464 -0.27 -22.62 -26.47
C GLY A 464 0.32 -23.63 -25.51
N PHE A 465 -0.31 -23.79 -24.33
CA PHE A 465 0.21 -24.63 -23.27
C PHE A 465 -0.10 -26.11 -23.43
N VAL A 466 0.34 -26.69 -24.56
CA VAL A 466 0.26 -28.12 -24.86
C VAL A 466 1.62 -28.59 -25.34
N ASN A 467 2.03 -29.80 -24.92
CA ASN A 467 3.31 -30.33 -25.35
C ASN A 467 3.15 -30.99 -26.74
N LYS A 468 4.27 -31.30 -27.42
CA LYS A 468 4.29 -31.91 -28.75
C LYS A 468 3.49 -33.21 -28.83
N GLN A 469 3.57 -34.05 -27.79
CA GLN A 469 2.84 -35.34 -27.75
C GLN A 469 1.34 -35.11 -27.58
N GLN A 470 0.96 -34.12 -26.78
CA GLN A 470 -0.44 -33.75 -26.52
C GLN A 470 -1.08 -33.23 -27.77
N ALA A 471 -0.36 -32.39 -28.53
CA ALA A 471 -0.82 -31.82 -29.79
C ALA A 471 -1.06 -32.95 -30.78
N HIS A 472 -0.12 -33.94 -30.82
CA HIS A 472 -0.21 -35.11 -31.66
C HIS A 472 -1.52 -35.87 -31.38
N ASP A 473 -1.81 -36.16 -30.09
CA ASP A 473 -3.02 -36.91 -29.72
C ASP A 473 -4.30 -36.12 -29.97
N LEU A 474 -4.26 -34.79 -29.84
CA LEU A 474 -5.43 -33.96 -30.14
C LEU A 474 -5.74 -33.93 -31.65
N LEU A 475 -4.70 -34.03 -32.50
CA LEU A 475 -4.88 -33.90 -33.93
C LEU A 475 -4.98 -35.20 -34.76
N ILE A 476 -4.53 -36.34 -34.24
CA ILE A 476 -4.52 -37.60 -35.04
C ILE A 476 -5.79 -37.88 -35.86
N ASN A 477 -6.98 -37.86 -35.25
CA ASN A 477 -8.21 -38.23 -35.95
C ASN A 477 -9.04 -37.07 -36.47
N LYS A 478 -8.40 -35.92 -36.63
CA LYS A 478 -9.08 -34.75 -37.17
C LYS A 478 -8.97 -34.74 -38.69
N PRO A 479 -9.84 -34.02 -39.40
CA PRO A 479 -9.66 -33.89 -40.86
C PRO A 479 -8.30 -33.28 -41.22
N ASP A 480 -7.79 -33.54 -42.43
CA ASP A 480 -6.53 -33.00 -42.93
C ASP A 480 -6.59 -31.47 -42.89
N GLY A 481 -5.50 -30.84 -42.50
CA GLY A 481 -5.47 -29.39 -42.40
C GLY A 481 -5.84 -28.86 -41.04
N THR A 482 -6.19 -29.73 -40.06
CA THR A 482 -6.50 -29.26 -38.72
C THR A 482 -5.17 -28.96 -38.06
N PHE A 483 -5.07 -27.79 -37.41
CA PHE A 483 -3.86 -27.34 -36.77
C PHE A 483 -4.13 -26.60 -35.45
N LEU A 484 -3.10 -26.43 -34.64
CA LEU A 484 -3.16 -25.66 -33.44
C LEU A 484 -1.85 -24.87 -33.31
N LEU A 485 -1.86 -23.77 -32.51
CA LEU A 485 -0.67 -22.96 -32.24
C LEU A 485 -0.21 -23.28 -30.82
N ARG A 486 1.06 -23.61 -30.70
CA ARG A 486 1.66 -24.13 -29.48
C ARG A 486 2.96 -23.37 -29.13
N PHE A 487 3.31 -23.28 -27.83
CA PHE A 487 4.58 -22.63 -27.47
C PHE A 487 5.74 -23.62 -27.60
N SER A 488 6.79 -23.19 -28.27
CA SER A 488 7.97 -23.99 -28.49
C SER A 488 8.71 -24.26 -27.20
N ASP A 489 9.18 -25.49 -27.04
CA ASP A 489 9.96 -25.86 -25.88
C ASP A 489 11.40 -25.44 -26.03
N SER A 490 11.96 -25.54 -27.21
CA SER A 490 13.38 -25.31 -27.45
C SER A 490 13.75 -23.92 -27.75
N GLU A 491 12.81 -23.09 -28.22
CA GLU A 491 13.11 -21.70 -28.53
C GLU A 491 12.29 -20.76 -27.68
N ILE A 492 12.97 -19.85 -26.94
CA ILE A 492 12.32 -18.86 -26.09
C ILE A 492 11.51 -17.93 -26.99
N GLY A 493 10.26 -17.67 -26.60
CA GLY A 493 9.39 -16.79 -27.37
C GLY A 493 8.96 -17.34 -28.72
N GLY A 494 9.02 -18.65 -28.88
CA GLY A 494 8.66 -19.27 -30.14
C GLY A 494 7.26 -19.82 -30.17
N ILE A 495 6.59 -19.68 -31.32
CA ILE A 495 5.27 -20.24 -31.54
C ILE A 495 5.39 -21.20 -32.71
N THR A 496 5.04 -22.45 -32.46
CA THR A 496 5.12 -23.49 -33.48
C THR A 496 3.71 -24.00 -33.87
N ILE A 497 3.55 -24.30 -35.16
CA ILE A 497 2.31 -24.83 -35.70
C ILE A 497 2.35 -26.36 -35.69
N ALA A 498 1.41 -27.01 -35.03
CA ALA A 498 1.29 -28.47 -35.08
C ALA A 498 0.07 -28.73 -35.96
N TRP A 499 0.19 -29.61 -36.96
CA TRP A 499 -0.90 -29.88 -37.87
C TRP A 499 -0.95 -31.34 -38.31
N LYS A 500 -2.14 -31.78 -38.72
CA LYS A 500 -2.33 -33.14 -39.20
C LYS A 500 -2.63 -33.08 -40.70
N PHE A 501 -1.95 -33.91 -41.48
CA PHE A 501 -2.16 -34.03 -42.92
C PHE A 501 -1.55 -35.34 -43.38
N ASP A 502 -2.41 -36.35 -43.64
CA ASP A 502 -1.98 -37.69 -44.06
C ASP A 502 -1.10 -37.66 -45.29
N SER A 503 0.08 -38.26 -45.19
CA SER A 503 1.04 -38.38 -46.28
C SER A 503 1.86 -39.67 -46.08
N PRO A 504 2.41 -40.28 -47.15
CA PRO A 504 3.17 -41.53 -46.97
C PRO A 504 4.31 -41.40 -45.96
N GLU A 505 5.07 -40.29 -46.01
CA GLU A 505 6.20 -40.12 -45.09
C GLU A 505 5.77 -39.82 -43.64
N ARG A 506 4.67 -39.06 -43.44
CA ARG A 506 4.17 -38.75 -42.07
C ARG A 506 2.80 -38.07 -42.05
N ASN A 507 2.05 -38.24 -40.96
CA ASN A 507 0.71 -37.68 -40.84
C ASN A 507 0.63 -36.49 -39.87
N LEU A 508 1.43 -36.48 -38.80
CA LEU A 508 1.42 -35.45 -37.77
C LEU A 508 2.68 -34.66 -37.89
N TRP A 509 2.55 -33.35 -38.10
CA TRP A 509 3.67 -32.47 -38.36
C TRP A 509 3.84 -31.34 -37.35
N ASN A 510 5.09 -30.87 -37.18
CA ASN A 510 5.44 -29.71 -36.34
C ASN A 510 6.30 -28.77 -37.17
N LEU A 511 5.83 -27.54 -37.35
CA LEU A 511 6.57 -26.54 -38.12
C LEU A 511 7.64 -25.94 -37.24
N LYS A 512 8.74 -25.49 -37.86
CA LYS A 512 9.82 -24.81 -37.14
C LYS A 512 9.25 -23.54 -36.47
N PRO A 513 9.60 -23.27 -35.20
CA PRO A 513 8.99 -22.13 -34.50
C PRO A 513 9.23 -20.77 -35.13
N PHE A 514 8.24 -19.89 -35.05
CA PHE A 514 8.39 -18.49 -35.44
C PHE A 514 8.65 -17.70 -34.15
N THR A 515 9.58 -16.73 -34.17
CA THR A 515 9.85 -15.85 -33.03
C THR A 515 9.53 -14.40 -33.45
N THR A 516 9.68 -13.43 -32.52
CA THR A 516 9.42 -12.02 -32.76
C THR A 516 10.09 -11.49 -34.03
N ARG A 517 11.31 -11.94 -34.38
CA ARG A 517 11.99 -11.50 -35.61
C ARG A 517 11.16 -11.90 -36.83
N ASP A 518 10.65 -13.14 -36.85
CA ASP A 518 9.84 -13.62 -37.94
C ASP A 518 8.54 -12.86 -38.00
N PHE A 519 7.90 -12.62 -36.83
CA PHE A 519 6.64 -11.91 -36.76
C PHE A 519 6.74 -10.44 -37.17
N SER A 520 7.90 -9.84 -37.00
CA SER A 520 8.13 -8.45 -37.40
C SER A 520 8.21 -8.36 -38.93
N ILE A 521 8.76 -9.38 -39.60
CA ILE A 521 8.83 -9.41 -41.05
C ILE A 521 7.47 -9.77 -41.67
N ARG A 522 6.75 -10.71 -41.08
CA ARG A 522 5.43 -11.12 -41.59
C ARG A 522 4.58 -11.66 -40.43
N SER A 523 3.44 -11.00 -40.14
CA SER A 523 2.58 -11.37 -39.04
C SER A 523 2.16 -12.83 -39.06
N LEU A 524 1.82 -13.37 -37.88
CA LEU A 524 1.31 -14.71 -37.69
C LEU A 524 0.12 -14.99 -38.62
N ALA A 525 -0.89 -14.10 -38.65
CA ALA A 525 -2.05 -14.28 -39.50
C ALA A 525 -1.71 -14.30 -41.00
N ASP A 526 -0.79 -13.45 -41.47
CA ASP A 526 -0.39 -13.46 -42.87
C ASP A 526 0.35 -14.72 -43.21
N ARG A 527 1.22 -15.22 -42.29
CA ARG A 527 1.92 -16.48 -42.53
C ARG A 527 0.91 -17.63 -42.59
N LEU A 528 -0.09 -17.62 -41.69
CA LEU A 528 -1.11 -18.67 -41.69
C LEU A 528 -1.96 -18.65 -42.95
N GLY A 529 -2.27 -17.44 -43.44
CA GLY A 529 -3.00 -17.27 -44.69
C GLY A 529 -2.24 -17.80 -45.89
N ASP A 530 -0.90 -17.70 -45.90
CA ASP A 530 -0.09 -18.25 -46.99
C ASP A 530 -0.13 -19.77 -47.03
N LEU A 531 -0.18 -20.44 -45.87
CA LEU A 531 -0.09 -21.90 -45.83
C LEU A 531 -1.41 -22.54 -46.16
N SER A 532 -1.57 -22.93 -47.42
CA SER A 532 -2.84 -23.49 -47.89
C SER A 532 -3.16 -24.86 -47.30
N TYR A 533 -2.17 -25.56 -46.74
CA TYR A 533 -2.43 -26.86 -46.09
C TYR A 533 -3.01 -26.66 -44.64
N LEU A 534 -3.11 -25.40 -44.14
CA LEU A 534 -3.72 -25.11 -42.82
C LEU A 534 -5.15 -24.68 -43.10
N ILE A 535 -6.10 -25.50 -42.68
CA ILE A 535 -7.51 -25.33 -43.03
C ILE A 535 -8.45 -25.10 -41.83
N TYR A 536 -8.22 -25.79 -40.71
CA TYR A 536 -9.07 -25.65 -39.55
C TYR A 536 -8.25 -25.44 -38.31
N VAL A 537 -8.62 -24.48 -37.46
CA VAL A 537 -7.94 -24.31 -36.20
C VAL A 537 -8.67 -25.20 -35.20
N PHE A 538 -7.91 -26.04 -34.50
CA PHE A 538 -8.40 -27.01 -33.54
C PHE A 538 -9.42 -26.40 -32.57
N PRO A 539 -10.62 -27.01 -32.46
CA PRO A 539 -11.03 -28.28 -33.07
C PRO A 539 -11.51 -28.28 -34.51
N ASP A 540 -12.36 -27.31 -34.89
CA ASP A 540 -13.00 -27.34 -36.20
C ASP A 540 -13.32 -25.97 -36.80
N ARG A 541 -12.65 -24.93 -36.32
CA ARG A 541 -12.92 -23.57 -36.78
C ARG A 541 -12.23 -23.26 -38.10
N PRO A 542 -12.97 -22.89 -39.16
CA PRO A 542 -12.32 -22.53 -40.43
C PRO A 542 -11.29 -21.41 -40.24
N LYS A 543 -10.10 -21.56 -40.83
CA LYS A 543 -8.99 -20.61 -40.68
C LYS A 543 -9.38 -19.15 -40.89
N ASP A 544 -10.09 -18.82 -41.98
CA ASP A 544 -10.44 -17.43 -42.28
C ASP A 544 -11.43 -16.83 -41.30
N GLU A 545 -12.24 -17.67 -40.69
CA GLU A 545 -13.17 -17.24 -39.66
C GLU A 545 -12.41 -16.77 -38.40
N VAL A 546 -11.25 -17.35 -38.12
CA VAL A 546 -10.44 -16.98 -36.95
C VAL A 546 -9.42 -15.89 -37.28
N PHE A 547 -8.82 -15.90 -38.50
CA PHE A 547 -7.73 -14.95 -38.79
C PHE A 547 -7.98 -13.88 -39.86
N SER A 548 -9.10 -13.93 -40.63
CA SER A 548 -9.26 -12.96 -41.74
C SER A 548 -9.28 -11.51 -41.33
N LYS A 549 -9.77 -11.20 -40.12
CA LYS A 549 -9.74 -9.80 -39.65
C LYS A 549 -8.30 -9.29 -39.49
N TYR A 550 -7.33 -10.19 -39.37
CA TYR A 550 -5.93 -9.83 -39.20
C TYR A 550 -5.13 -9.84 -40.50
N TYR A 551 -5.67 -10.42 -41.61
CA TYR A 551 -4.93 -10.45 -42.88
C TYR A 551 -4.64 -9.05 -43.37
N THR A 552 -3.43 -8.82 -43.84
CA THR A 552 -3.05 -7.52 -44.36
C THR A 552 -3.68 -7.21 -45.74
N PRO A 553 -4.47 -6.13 -45.84
CA PRO A 553 -4.94 -5.70 -47.17
C PRO A 553 -3.76 -4.92 -47.78
N VAL A 554 -3.14 -5.44 -48.85
CA VAL A 554 -1.95 -4.80 -49.40
C VAL A 554 -2.33 -3.41 -49.99
N LEU A 555 -1.63 -2.39 -49.52
CA LEU A 555 -1.90 -1.01 -49.87
C LEU A 555 -0.92 -0.59 -50.95
N ALA A 556 -1.43 0.04 -52.01
CA ALA A 556 -0.58 0.54 -53.06
C ALA A 556 0.21 1.77 -52.54
N LYS A 557 1.34 2.11 -53.19
CA LYS A 557 2.17 3.22 -52.73
C LYS A 557 2.13 4.46 -53.61
N ALA A 558 2.33 5.63 -53.00
CA ALA A 558 2.39 6.88 -53.76
C ALA A 558 3.63 6.93 -54.66
N VAL A 559 4.73 6.31 -54.24
CA VAL A 559 5.93 6.24 -55.07
C VAL A 559 5.64 5.51 -56.42
N ASP A 560 4.56 4.69 -56.49
CA ASP A 560 4.11 3.97 -57.69
C ASP A 560 2.97 4.68 -58.48
N GLY A 561 2.74 5.96 -58.17
CA GLY A 561 1.75 6.77 -58.86
C GLY A 561 0.35 6.79 -58.31
N TYR A 562 0.06 6.06 -57.23
CA TYR A 562 -1.30 6.03 -56.66
C TYR A 562 -1.59 7.30 -55.83
N VAL A 563 -2.38 8.20 -56.41
CA VAL A 563 -2.69 9.50 -55.78
C VAL A 563 -3.62 9.39 -54.59
N LYS A 564 -4.37 8.30 -54.46
CA LYS A 564 -5.32 8.08 -53.37
C LYS A 564 -5.10 6.69 -52.75
N PRO A 565 -5.40 6.49 -51.46
CA PRO A 565 -5.25 5.14 -50.85
C PRO A 565 -6.06 4.08 -51.61
N GLN A 566 -5.42 2.96 -51.96
CA GLN A 566 -6.02 1.94 -52.78
C GLN A 566 -5.51 0.56 -52.39
N ILE A 567 -6.42 -0.40 -52.21
CA ILE A 567 -6.04 -1.77 -51.88
C ILE A 567 -5.83 -2.63 -53.15
N LYS A 568 -4.71 -3.38 -53.19
CA LYS A 568 -4.35 -4.25 -54.32
C LYS A 568 -4.81 -5.68 -54.06
#